data_7OQW
#
_entry.id   7OQW
#
_cell.length_a   82.678
_cell.length_b   111.644
_cell.length_c   61.737
_cell.angle_alpha   90.000
_cell.angle_beta   90.000
_cell.angle_gamma   90.000
#
_symmetry.space_group_name_H-M   'C 2 2 21'
#
loop_
_entity.id
_entity.type
_entity.pdbx_description
1 polymer '14-3-3 protein sigma'
2 polymer 'Amot-p130 phosphopeptide (pS175)'
3 non-polymer ~{N}-[(5-carbamimidoyl-3-phenyl-thiophen-2-yl)methyl]-1~{H}-indole-6-carboxamide
4 non-polymer 'MAGNESIUM ION'
5 water water
#
loop_
_entity_poly.entity_id
_entity_poly.type
_entity_poly.pdbx_seq_one_letter_code
_entity_poly.pdbx_strand_id
1 'polypeptide(L)'
;GAMGSMERASLIQKAKLAEQAERYEDMAAFMKGAVEKGEELS(CSO)EERNLLSVAYKNVVGGQRAAWRVLSSIEQKSNE
EGSEEKGPEVREYREKVETELQGVCDTVLGLLDSHLIKEAGDAESRVFYLKMKGDYYRYLAEVATGDDKKRIIDSARSAY
QEAMDISKKEMPPTNPIRLGLALNFSVFHYEIANSPEEAISLAKTTFDEAMADLHTLSEDSYKDSTLIMQLLRDNLTLWT
ADNAGEEGGEAPQEPQS
;
A
2 'polypeptide(L)' GHVRSL(SEP)ERLMQM P
#
# COMPACT_ATOMS: atom_id res chain seq x y z
N ALA A 2 -11.85 -7.03 -19.43
CA ALA A 2 -13.23 -6.66 -19.89
C ALA A 2 -13.29 -5.20 -20.33
N MET A 3 -12.41 -4.40 -19.74
CA MET A 3 -12.40 -2.95 -19.95
C MET A 3 -11.64 -2.53 -21.20
N GLY A 4 -11.20 -3.50 -22.01
CA GLY A 4 -10.39 -3.16 -23.17
C GLY A 4 -11.10 -2.31 -24.21
N SER A 5 -12.44 -2.36 -24.27
CA SER A 5 -13.15 -1.58 -25.26
C SER A 5 -13.51 -0.18 -24.77
N MET A 6 -13.19 0.17 -23.52
CA MET A 6 -13.52 1.49 -23.00
C MET A 6 -12.32 2.42 -23.11
N GLU A 7 -12.60 3.67 -23.45
CA GLU A 7 -11.56 4.67 -23.52
C GLU A 7 -10.87 4.84 -22.17
N ARG A 8 -9.57 5.12 -22.22
CA ARG A 8 -8.80 5.38 -21.01
C ARG A 8 -9.42 6.47 -20.17
N ALA A 9 -9.81 7.58 -20.81
CA ALA A 9 -10.37 8.71 -20.09
C ALA A 9 -11.68 8.34 -19.41
N SER A 10 -12.48 7.49 -20.07
CA SER A 10 -13.75 7.08 -19.48
C SER A 10 -13.52 6.20 -18.26
N LEU A 11 -12.54 5.29 -18.34
CA LEU A 11 -12.20 4.45 -17.20
C LEU A 11 -11.78 5.30 -16.01
N ILE A 12 -10.98 6.32 -16.24
CA ILE A 12 -10.56 7.19 -15.14
CA ILE A 12 -10.56 7.18 -15.13
C ILE A 12 -11.75 7.93 -14.55
N GLN A 13 -12.60 8.49 -15.42
CA GLN A 13 -13.80 9.18 -14.93
C GLN A 13 -14.69 8.23 -14.12
N LYS A 14 -14.87 7.01 -14.60
CA LYS A 14 -15.69 6.04 -13.89
C LYS A 14 -15.05 5.59 -12.59
N ALA A 15 -13.72 5.51 -12.53
CA ALA A 15 -13.06 5.22 -11.26
C ALA A 15 -13.36 6.30 -10.22
N LYS A 16 -13.34 7.57 -10.64
CA LYS A 16 -13.68 8.67 -9.75
C LYS A 16 -15.13 8.59 -9.28
N LEU A 17 -16.04 8.20 -10.16
CA LEU A 17 -17.45 8.05 -9.77
C LEU A 17 -17.63 6.88 -8.80
N ALA A 18 -16.96 5.76 -9.07
CA ALA A 18 -17.01 4.60 -8.18
C ALA A 18 -16.49 4.94 -6.79
N GLU A 19 -15.40 5.71 -6.70
CA GLU A 19 -14.97 6.19 -5.40
C GLU A 19 -16.09 6.95 -4.68
N GLN A 20 -16.77 7.84 -5.39
CA GLN A 20 -17.82 8.62 -4.73
C GLN A 20 -18.98 7.75 -4.31
N ALA A 21 -19.20 6.65 -5.02
CA ALA A 21 -20.26 5.71 -4.74
C ALA A 21 -19.82 4.62 -3.77
N GLU A 22 -18.58 4.68 -3.29
CA GLU A 22 -17.98 3.65 -2.44
C GLU A 22 -18.13 2.27 -3.06
N ARG A 23 -17.87 2.20 -4.36
CA ARG A 23 -17.92 0.97 -5.15
C ARG A 23 -16.47 0.63 -5.49
N TYR A 24 -15.75 0.12 -4.51
CA TYR A 24 -14.31 0.01 -4.63
C TYR A 24 -13.88 -1.12 -5.54
N GLU A 25 -14.69 -2.18 -5.65
N GLU A 25 -14.67 -2.19 -5.65
CA GLU A 25 -14.34 -3.25 -6.59
CA GLU A 25 -14.33 -3.25 -6.59
C GLU A 25 -14.47 -2.77 -8.02
C GLU A 25 -14.46 -2.75 -8.03
N ASP A 26 -15.54 -2.03 -8.33
CA ASP A 26 -15.65 -1.37 -9.63
C ASP A 26 -14.46 -0.44 -9.86
N MET A 27 -14.16 0.39 -8.86
CA MET A 27 -13.07 1.35 -8.96
C MET A 27 -11.78 0.65 -9.34
N ALA A 28 -11.49 -0.48 -8.70
CA ALA A 28 -10.26 -1.19 -8.98
C ALA A 28 -10.27 -1.78 -10.38
N ALA A 29 -11.42 -2.30 -10.81
CA ALA A 29 -11.51 -2.85 -12.16
C ALA A 29 -11.32 -1.75 -13.20
N PHE A 30 -11.84 -0.55 -12.93
CA PHE A 30 -11.66 0.54 -13.87
C PHE A 30 -10.19 0.96 -13.93
N MET A 31 -9.52 1.05 -12.77
CA MET A 31 -8.12 1.47 -12.74
C MET A 31 -7.20 0.40 -13.33
N LYS A 32 -7.52 -0.89 -13.12
CA LYS A 32 -6.80 -1.96 -13.82
C LYS A 32 -6.93 -1.78 -15.34
N GLY A 33 -8.14 -1.54 -15.82
CA GLY A 33 -8.33 -1.26 -17.24
C GLY A 33 -7.47 -0.09 -17.71
N ALA A 34 -7.43 0.98 -16.94
CA ALA A 34 -6.63 2.12 -17.33
C ALA A 34 -5.16 1.76 -17.38
N VAL A 35 -4.67 1.05 -16.36
CA VAL A 35 -3.28 0.66 -16.36
C VAL A 35 -2.95 -0.13 -17.62
N GLU A 36 -3.82 -1.04 -18.00
CA GLU A 36 -3.54 -1.94 -19.11
C GLU A 36 -3.61 -1.25 -20.46
N LYS A 37 -4.05 0.02 -20.54
CA LYS A 37 -3.90 0.80 -21.77
C LYS A 37 -2.44 0.99 -22.12
N GLY A 38 -1.52 0.86 -21.15
CA GLY A 38 -0.11 0.92 -21.42
C GLY A 38 0.53 2.27 -21.25
N GLU A 39 -0.22 3.30 -20.93
CA GLU A 39 0.37 4.61 -20.72
C GLU A 39 0.76 4.77 -19.26
N GLU A 40 1.80 5.54 -19.01
CA GLU A 40 2.17 5.84 -17.63
C GLU A 40 0.99 6.54 -16.94
N LEU A 41 0.97 6.46 -15.60
CA LEU A 41 -0.09 7.05 -14.79
C LEU A 41 0.36 8.36 -14.18
N SER A 42 -0.55 9.33 -14.12
CA SER A 42 -0.30 10.61 -13.46
C SER A 42 -0.33 10.46 -11.96
N GLU A 44 -2.37 11.84 -9.84
CA GLU A 44 -3.74 11.61 -9.40
C GLU A 44 -4.20 10.19 -9.75
N GLU A 45 -3.80 9.69 -10.93
CA GLU A 45 -4.17 8.33 -11.34
C GLU A 45 -3.51 7.28 -10.44
N ARG A 46 -2.28 7.51 -10.01
CA ARG A 46 -1.64 6.54 -9.12
C ARG A 46 -2.39 6.46 -7.82
N ASN A 47 -2.84 7.62 -7.33
CA ASN A 47 -3.60 7.65 -6.09
C ASN A 47 -4.92 6.93 -6.24
N LEU A 48 -5.58 7.07 -7.40
CA LEU A 48 -6.83 6.36 -7.65
C LEU A 48 -6.62 4.84 -7.63
N LEU A 49 -5.59 4.38 -8.33
CA LEU A 49 -5.21 2.97 -8.31
C LEU A 49 -4.99 2.47 -6.90
N SER A 50 -4.19 3.24 -6.12
CA SER A 50 -3.86 2.83 -4.77
C SER A 50 -5.09 2.78 -3.87
N VAL A 51 -5.93 3.80 -3.92
CA VAL A 51 -7.11 3.85 -3.06
C VAL A 51 -8.06 2.71 -3.37
N ALA A 52 -8.25 2.41 -4.66
CA ALA A 52 -9.18 1.36 -5.04
C ALA A 52 -8.77 0.02 -4.45
N TYR A 53 -7.53 -0.40 -4.72
CA TYR A 53 -7.11 -1.72 -4.26
C TYR A 53 -6.88 -1.79 -2.76
N LYS A 54 -6.49 -0.67 -2.12
CA LYS A 54 -6.35 -0.65 -0.67
C LYS A 54 -7.68 -0.93 0.01
N ASN A 55 -8.77 -0.38 -0.51
CA ASN A 55 -10.08 -0.65 0.04
C ASN A 55 -10.54 -2.06 -0.25
N VAL A 56 -10.33 -2.56 -1.46
CA VAL A 56 -10.74 -3.91 -1.76
C VAL A 56 -10.01 -4.88 -0.84
N VAL A 57 -8.68 -4.83 -0.87
CA VAL A 57 -7.91 -5.77 -0.08
C VAL A 57 -8.11 -5.52 1.41
N GLY A 58 -8.43 -4.28 1.79
CA GLY A 58 -8.69 -4.00 3.19
C GLY A 58 -9.93 -4.73 3.68
N GLY A 59 -10.98 -4.78 2.86
CA GLY A 59 -12.17 -5.52 3.26
C GLY A 59 -11.90 -7.01 3.36
N GLN A 60 -11.06 -7.52 2.47
CA GLN A 60 -10.70 -8.94 2.50
C GLN A 60 -9.87 -9.26 3.74
N ARG A 61 -8.92 -8.39 4.09
CA ARG A 61 -8.07 -8.62 5.24
C ARG A 61 -8.90 -8.63 6.52
N ALA A 62 -9.85 -7.70 6.63
CA ALA A 62 -10.68 -7.63 7.82
C ALA A 62 -11.57 -8.86 7.93
N ALA A 63 -12.12 -9.33 6.81
CA ALA A 63 -12.89 -10.58 6.81
C ALA A 63 -12.03 -11.77 7.22
N TRP A 64 -10.85 -11.89 6.59
CA TRP A 64 -9.92 -12.96 6.92
C TRP A 64 -9.58 -13.00 8.40
N ARG A 65 -9.40 -11.83 9.02
CA ARG A 65 -9.05 -11.78 10.44
C ARG A 65 -10.22 -12.24 11.31
N VAL A 66 -11.45 -11.85 10.96
CA VAL A 66 -12.61 -12.37 11.69
C VAL A 66 -12.66 -13.88 11.61
N LEU A 67 -12.50 -14.43 10.39
CA LEU A 67 -12.66 -15.86 10.23
C LEU A 67 -11.49 -16.63 10.87
N SER A 68 -10.28 -16.10 10.76
N SER A 68 -10.28 -16.10 10.77
CA SER A 68 -9.13 -16.76 11.37
CA SER A 68 -9.13 -16.77 11.37
C SER A 68 -9.27 -16.81 12.89
C SER A 68 -9.28 -16.81 12.89
N SER A 69 -9.79 -15.74 13.48
CA SER A 69 -10.02 -15.73 14.92
C SER A 69 -11.13 -16.70 15.32
N ILE A 70 -12.19 -16.80 14.51
CA ILE A 70 -13.18 -17.83 14.81
C ILE A 70 -12.55 -19.20 14.71
N GLU A 71 -11.72 -19.41 13.68
CA GLU A 71 -11.14 -20.72 13.41
C GLU A 71 -10.30 -21.19 14.58
N GLN A 72 -9.58 -20.26 15.22
CA GLN A 72 -8.63 -20.62 16.26
C GLN A 72 -9.32 -20.94 17.57
N LYS A 73 -10.33 -20.16 17.95
CA LYS A 73 -11.13 -20.50 19.13
C LYS A 73 -11.55 -21.96 19.08
N SER A 74 -12.25 -22.35 18.02
CA SER A 74 -12.64 -23.73 17.83
C SER A 74 -11.39 -24.62 17.84
C GLY A 83 -15.76 -28.13 10.52
N PRO A 84 -15.65 -28.53 9.26
CA PRO A 84 -14.63 -27.94 8.39
C PRO A 84 -15.02 -26.59 7.78
N GLU A 85 -16.21 -26.06 8.07
CA GLU A 85 -16.74 -24.95 7.30
C GLU A 85 -15.94 -23.67 7.53
N VAL A 86 -15.51 -23.41 8.76
CA VAL A 86 -14.78 -22.18 9.05
C VAL A 86 -13.44 -22.18 8.33
N ARG A 87 -12.73 -23.31 8.40
CA ARG A 87 -11.48 -23.45 7.67
C ARG A 87 -11.74 -23.27 6.19
N GLU A 88 -12.76 -23.94 5.68
CA GLU A 88 -13.04 -23.89 4.26
C GLU A 88 -13.36 -22.48 3.80
N TYR A 89 -14.09 -21.73 4.62
CA TYR A 89 -14.49 -20.39 4.20
C TYR A 89 -13.33 -19.40 4.40
N ARG A 90 -12.51 -19.57 5.44
CA ARG A 90 -11.27 -18.78 5.52
C ARG A 90 -10.34 -19.03 4.34
N GLU A 91 -10.16 -20.29 3.94
CA GLU A 91 -9.36 -20.58 2.75
C GLU A 91 -9.92 -19.89 1.52
N LYS A 92 -11.25 -19.87 1.38
CA LYS A 92 -11.85 -19.21 0.23
C LYS A 92 -11.56 -17.71 0.22
N VAL A 93 -11.77 -17.06 1.35
CA VAL A 93 -11.43 -15.63 1.45
C VAL A 93 -9.94 -15.42 1.21
N GLU A 94 -9.12 -16.26 1.83
CA GLU A 94 -7.67 -16.16 1.68
C GLU A 94 -7.26 -16.26 0.22
N THR A 95 -7.87 -17.20 -0.52
CA THR A 95 -7.56 -17.34 -1.94
C THR A 95 -7.97 -16.11 -2.73
N GLU A 96 -9.12 -15.52 -2.40
CA GLU A 96 -9.57 -14.31 -3.08
CA GLU A 96 -9.55 -14.33 -3.09
C GLU A 96 -8.58 -13.17 -2.85
N LEU A 97 -8.10 -13.05 -1.60
CA LEU A 97 -7.17 -11.99 -1.24
C LEU A 97 -5.85 -12.14 -1.95
N GLN A 98 -5.33 -13.38 -2.00
CA GLN A 98 -4.12 -13.65 -2.78
C GLN A 98 -4.29 -13.32 -4.25
N GLY A 99 -5.47 -13.60 -4.81
CA GLY A 99 -5.65 -13.26 -6.21
C GLY A 99 -5.63 -11.76 -6.46
N VAL A 100 -6.20 -10.97 -5.53
CA VAL A 100 -6.17 -9.52 -5.65
C VAL A 100 -4.74 -9.01 -5.54
N CYS A 101 -3.99 -9.50 -4.55
CA CYS A 101 -2.59 -9.13 -4.44
C CYS A 101 -1.79 -9.52 -5.67
N ASP A 102 -2.02 -10.73 -6.21
CA ASP A 102 -1.32 -11.15 -7.43
C ASP A 102 -1.67 -10.25 -8.59
N THR A 103 -2.91 -9.81 -8.65
CA THR A 103 -3.33 -8.89 -9.70
C THR A 103 -2.58 -7.57 -9.60
N VAL A 104 -2.52 -7.00 -8.39
CA VAL A 104 -1.79 -5.73 -8.22
C VAL A 104 -0.32 -5.90 -8.58
N LEU A 105 0.35 -6.92 -7.99
CA LEU A 105 1.76 -7.16 -8.29
C LEU A 105 1.99 -7.41 -9.77
N GLY A 106 1.04 -8.06 -10.44
CA GLY A 106 1.12 -8.21 -11.88
C GLY A 106 1.14 -6.89 -12.61
N LEU A 107 0.28 -5.95 -12.21
CA LEU A 107 0.27 -4.64 -12.86
C LEU A 107 1.59 -3.93 -12.62
N LEU A 108 2.11 -4.00 -11.39
CA LEU A 108 3.35 -3.32 -11.08
C LEU A 108 4.51 -3.89 -11.91
N ASP A 109 4.51 -5.19 -12.10
CA ASP A 109 5.58 -5.84 -12.82
C ASP A 109 5.40 -5.81 -14.34
N SER A 110 4.19 -5.54 -14.82
CA SER A 110 3.88 -5.49 -16.27
C SER A 110 2.98 -4.28 -16.56
N HIS A 111 3.53 -3.05 -16.65
CA HIS A 111 4.95 -2.73 -16.63
C HIS A 111 5.14 -1.37 -15.91
N LEU A 112 4.33 -1.10 -14.88
CA LEU A 112 4.36 0.19 -14.18
C LEU A 112 5.76 0.51 -13.65
N ILE A 113 6.37 -0.42 -12.94
CA ILE A 113 7.67 -0.15 -12.35
C ILE A 113 8.72 0.11 -13.42
N LYS A 114 8.89 -0.81 -14.38
CA LYS A 114 9.99 -0.63 -15.31
C LYS A 114 9.84 0.64 -16.12
N GLU A 115 8.61 1.06 -16.39
CA GLU A 115 8.36 2.27 -17.16
C GLU A 115 8.32 3.53 -16.31
N ALA A 116 8.52 3.40 -14.99
CA ALA A 116 8.49 4.56 -14.11
C ALA A 116 9.85 5.24 -14.18
N GLY A 117 9.96 6.27 -15.01
CA GLY A 117 11.22 7.01 -15.10
C GLY A 117 11.51 7.83 -13.86
N ASP A 118 10.53 8.63 -13.45
CA ASP A 118 10.70 9.58 -12.35
C ASP A 118 10.86 8.89 -11.01
N ALA A 119 11.63 9.53 -10.13
CA ALA A 119 11.83 9.01 -8.78
C ALA A 119 10.52 8.90 -8.02
N GLU A 120 9.63 9.89 -8.16
CA GLU A 120 8.39 9.89 -7.41
C GLU A 120 7.44 8.80 -7.88
N SER A 121 7.40 8.53 -9.19
N SER A 121 7.38 8.55 -9.19
CA SER A 121 6.55 7.44 -9.66
CA SER A 121 6.57 7.44 -9.70
C SER A 121 7.14 6.08 -9.30
C SER A 121 7.16 6.11 -9.24
N ARG A 122 8.47 5.92 -9.44
CA ARG A 122 9.10 4.66 -9.08
C ARG A 122 8.99 4.37 -7.57
N VAL A 123 9.14 5.39 -6.73
CA VAL A 123 8.97 5.19 -5.30
C VAL A 123 7.54 4.78 -4.97
N PHE A 124 6.57 5.42 -5.61
CA PHE A 124 5.16 5.11 -5.34
C PHE A 124 4.88 3.66 -5.64
N TYR A 125 5.35 3.18 -6.81
CA TYR A 125 5.07 1.80 -7.21
C TYR A 125 5.83 0.78 -6.38
N LEU A 126 7.08 1.09 -6.01
CA LEU A 126 7.82 0.18 -5.14
C LEU A 126 7.20 0.08 -3.75
N LYS A 127 6.69 1.19 -3.22
CA LYS A 127 5.94 1.14 -1.97
C LYS A 127 4.75 0.19 -2.11
N MET A 128 3.97 0.33 -3.19
CA MET A 128 2.85 -0.55 -3.40
C MET A 128 3.28 -2.00 -3.45
N LYS A 129 4.39 -2.29 -4.14
CA LYS A 129 4.87 -3.67 -4.22
C LYS A 129 5.14 -4.22 -2.82
N GLY A 130 5.83 -3.45 -1.99
CA GLY A 130 6.03 -3.88 -0.60
C GLY A 130 4.71 -4.12 0.14
N ASP A 131 3.75 -3.21 -0.03
CA ASP A 131 2.46 -3.34 0.66
C ASP A 131 1.74 -4.64 0.28
N TYR A 132 1.72 -4.98 -1.02
CA TYR A 132 0.96 -6.15 -1.44
C TYR A 132 1.71 -7.45 -1.18
N TYR A 133 3.05 -7.46 -1.18
CA TYR A 133 3.75 -8.59 -0.56
C TYR A 133 3.47 -8.67 0.93
N ARG A 134 3.44 -7.52 1.61
CA ARG A 134 3.09 -7.54 3.03
C ARG A 134 1.74 -8.18 3.26
N TYR A 135 0.74 -7.82 2.44
CA TYR A 135 -0.58 -8.44 2.63
C TYR A 135 -0.51 -9.94 2.38
N LEU A 136 0.21 -10.36 1.34
CA LEU A 136 0.46 -11.79 1.14
C LEU A 136 1.14 -12.41 2.35
N ALA A 137 2.06 -11.69 2.99
CA ALA A 137 2.80 -12.30 4.10
C ALA A 137 1.89 -12.54 5.28
N GLU A 138 0.87 -11.68 5.46
CA GLU A 138 -0.01 -11.82 6.60
C GLU A 138 -0.74 -13.17 6.59
N VAL A 139 -1.00 -13.74 5.42
CA VAL A 139 -1.76 -15.00 5.35
C VAL A 139 -0.90 -16.19 4.97
N ALA A 140 0.39 -15.98 4.76
CA ALA A 140 1.27 -17.03 4.29
C ALA A 140 1.78 -17.86 5.46
N THR A 141 2.18 -19.08 5.14
CA THR A 141 2.86 -19.96 6.09
C THR A 141 4.13 -20.53 5.43
N ASP A 144 8.77 -19.69 2.56
CA ASP A 144 7.69 -19.39 1.62
C ASP A 144 6.96 -18.14 2.06
N LYS A 145 6.43 -18.19 3.27
CA LYS A 145 6.27 -16.96 4.00
C LYS A 145 7.60 -16.21 4.08
N LYS A 146 8.71 -16.93 4.30
CA LYS A 146 10.00 -16.27 4.39
C LYS A 146 10.35 -15.55 3.10
N ARG A 147 10.10 -16.19 1.95
CA ARG A 147 10.37 -15.56 0.65
C ARG A 147 9.55 -14.29 0.46
N ILE A 148 8.30 -14.32 0.94
CA ILE A 148 7.42 -13.18 0.73
C ILE A 148 7.87 -12.01 1.57
N ILE A 149 8.24 -12.27 2.84
CA ILE A 149 8.78 -11.24 3.72
C ILE A 149 10.00 -10.58 3.10
N ASP A 150 10.91 -11.39 2.54
CA ASP A 150 12.11 -10.85 1.90
C ASP A 150 11.77 -10.03 0.67
N SER A 151 10.77 -10.46 -0.11
CA SER A 151 10.38 -9.67 -1.28
C SER A 151 9.78 -8.33 -0.86
N ALA A 152 9.06 -8.30 0.25
CA ALA A 152 8.49 -7.05 0.72
C ALA A 152 9.60 -6.13 1.22
N ARG A 153 10.48 -6.66 2.04
CA ARG A 153 11.58 -5.89 2.59
C ARG A 153 12.42 -5.28 1.48
N SER A 154 12.74 -6.05 0.44
CA SER A 154 13.58 -5.54 -0.64
C SER A 154 12.88 -4.43 -1.42
N ALA A 155 11.58 -4.58 -1.70
CA ALA A 155 10.86 -3.52 -2.41
C ALA A 155 10.81 -2.25 -1.57
N TYR A 156 10.44 -2.39 -0.29
CA TYR A 156 10.42 -1.24 0.61
C TYR A 156 11.79 -0.55 0.68
N GLN A 157 12.85 -1.34 0.80
CA GLN A 157 14.20 -0.79 1.00
C GLN A 157 14.67 -0.08 -0.25
N GLU A 158 14.40 -0.63 -1.43
CA GLU A 158 14.74 0.09 -2.66
C GLU A 158 13.95 1.39 -2.77
N ALA A 159 12.67 1.41 -2.35
CA ALA A 159 11.91 2.66 -2.34
C ALA A 159 12.51 3.67 -1.36
N MET A 160 12.91 3.20 -0.18
CA MET A 160 13.52 4.10 0.79
C MET A 160 14.79 4.74 0.23
N ASP A 161 15.64 3.93 -0.40
CA ASP A 161 16.92 4.43 -0.90
C ASP A 161 16.70 5.54 -1.93
N ILE A 162 15.82 5.30 -2.92
CA ILE A 162 15.47 6.34 -3.90
C ILE A 162 14.85 7.54 -3.21
N SER A 163 13.92 7.30 -2.28
CA SER A 163 13.21 8.41 -1.65
C SER A 163 14.16 9.31 -0.88
N LYS A 164 15.13 8.71 -0.18
CA LYS A 164 16.09 9.50 0.58
C LYS A 164 16.98 10.32 -0.33
N LYS A 165 17.31 9.81 -1.53
CA LYS A 165 18.12 10.55 -2.49
C LYS A 165 17.34 11.61 -3.25
N GLU A 166 16.04 11.43 -3.49
CA GLU A 166 15.33 12.24 -4.46
C GLU A 166 14.19 13.06 -3.90
N MET A 167 13.79 12.87 -2.66
CA MET A 167 12.61 13.56 -2.18
C MET A 167 12.94 14.13 -0.82
N PRO A 168 12.27 15.21 -0.41
CA PRO A 168 12.53 15.77 0.91
C PRO A 168 11.86 14.97 2.00
N PRO A 169 12.27 15.16 3.25
CA PRO A 169 11.77 14.31 4.33
C PRO A 169 10.31 14.51 4.63
N THR A 170 9.68 15.57 4.09
CA THR A 170 8.27 15.80 4.36
C THR A 170 7.35 15.32 3.24
N ASN A 171 7.93 14.87 2.13
CA ASN A 171 7.12 14.43 0.99
C ASN A 171 6.16 13.34 1.44
N PRO A 172 4.86 13.46 1.12
CA PRO A 172 3.88 12.52 1.66
C PRO A 172 4.06 11.10 1.18
N ILE A 173 4.59 10.89 -0.02
CA ILE A 173 4.84 9.52 -0.46
C ILE A 173 6.00 8.93 0.33
N ARG A 174 7.06 9.70 0.56
CA ARG A 174 8.19 9.23 1.36
C ARG A 174 7.77 8.92 2.79
N LEU A 175 6.93 9.79 3.39
CA LEU A 175 6.40 9.55 4.73
C LEU A 175 5.48 8.33 4.77
N GLY A 176 4.57 8.21 3.80
CA GLY A 176 3.70 7.03 3.77
C GLY A 176 4.48 5.74 3.59
N LEU A 177 5.53 5.78 2.79
CA LEU A 177 6.42 4.64 2.64
C LEU A 177 7.06 4.27 3.98
N ALA A 178 7.63 5.26 4.66
CA ALA A 178 8.30 4.98 5.92
C ALA A 178 7.31 4.48 6.96
N LEU A 179 6.09 5.02 6.96
CA LEU A 179 5.07 4.52 7.86
C LEU A 179 4.83 3.03 7.63
N ASN A 180 4.58 2.66 6.37
CA ASN A 180 4.21 1.28 6.08
C ASN A 180 5.39 0.33 6.27
N PHE A 181 6.61 0.76 5.90
CA PHE A 181 7.79 -0.06 6.17
C PHE A 181 7.95 -0.30 7.67
N SER A 182 7.61 0.69 8.49
CA SER A 182 7.78 0.51 9.93
C SER A 182 6.76 -0.49 10.45
N VAL A 183 5.53 -0.47 9.89
CA VAL A 183 4.51 -1.44 10.23
C VAL A 183 4.92 -2.84 9.80
N PHE A 184 5.46 -2.97 8.60
CA PHE A 184 6.06 -4.22 8.18
C PHE A 184 7.03 -4.75 9.23
N HIS A 185 8.00 -3.92 9.63
CA HIS A 185 9.01 -4.38 10.58
C HIS A 185 8.33 -4.87 11.86
N TYR A 186 7.33 -4.13 12.34
CA TYR A 186 6.75 -4.44 13.64
C TYR A 186 5.83 -5.64 13.56
N GLU A 187 4.95 -5.67 12.54
CA GLU A 187 3.87 -6.66 12.47
C GLU A 187 4.26 -7.92 11.73
N ILE A 188 5.14 -7.83 10.76
CA ILE A 188 5.47 -8.95 9.89
C ILE A 188 6.84 -9.52 10.22
N ALA A 189 7.82 -8.64 10.39
CA ALA A 189 9.22 -9.08 10.40
C ALA A 189 9.72 -9.35 11.81
N ASN A 190 8.86 -9.21 12.82
CA ASN A 190 9.21 -9.37 14.22
C ASN A 190 10.49 -8.57 14.56
N SER A 191 10.54 -7.33 14.07
CA SER A 191 11.67 -6.43 14.31
C SER A 191 11.13 -5.15 14.90
N PRO A 192 10.62 -5.21 16.13
CA PRO A 192 9.97 -4.03 16.70
C PRO A 192 10.93 -2.89 16.95
N GLU A 193 12.21 -3.18 17.21
CA GLU A 193 13.10 -2.04 17.44
C GLU A 193 13.44 -1.38 16.12
N GLU A 194 13.54 -2.16 15.04
CA GLU A 194 13.70 -1.53 13.73
C GLU A 194 12.50 -0.64 13.42
N ALA A 195 11.29 -1.12 13.74
CA ALA A 195 10.09 -0.34 13.47
C ALA A 195 10.11 0.99 14.21
N ILE A 196 10.46 0.94 15.49
CA ILE A 196 10.47 2.11 16.34
C ILE A 196 11.54 3.09 15.87
N SER A 197 12.74 2.58 15.56
CA SER A 197 13.81 3.45 15.07
CA SER A 197 13.79 3.46 15.08
C SER A 197 13.41 4.12 13.77
N LEU A 198 12.79 3.40 12.85
CA LEU A 198 12.45 4.00 11.57
C LEU A 198 11.40 5.09 11.76
N ALA A 199 10.35 4.79 12.53
CA ALA A 199 9.28 5.76 12.75
C ALA A 199 9.81 7.02 13.42
N LYS A 200 10.72 6.85 14.38
CA LYS A 200 11.23 8.00 15.15
C LYS A 200 12.09 8.89 14.27
N THR A 201 13.06 8.31 13.54
CA THR A 201 13.92 9.12 12.70
C THR A 201 13.11 9.77 11.58
N THR A 202 12.14 9.06 11.02
CA THR A 202 11.27 9.65 10.00
C THR A 202 10.51 10.84 10.57
N PHE A 203 9.95 10.68 11.76
CA PHE A 203 9.19 11.76 12.38
C PHE A 203 10.07 12.98 12.65
N ASP A 204 11.26 12.77 13.24
CA ASP A 204 12.14 13.88 13.61
C ASP A 204 12.65 14.63 12.38
N GLU A 205 13.06 13.90 11.34
CA GLU A 205 13.51 14.55 10.12
C GLU A 205 12.41 15.36 9.43
N ALA A 206 11.16 14.87 9.45
CA ALA A 206 10.07 15.65 8.87
C ALA A 206 9.77 16.88 9.71
N MET A 207 9.72 16.70 11.03
CA MET A 207 9.54 17.82 11.94
C MET A 207 10.50 18.96 11.62
N ALA A 208 11.78 18.65 11.45
CA ALA A 208 12.80 19.67 11.26
C ALA A 208 12.71 20.30 9.88
N ASP A 209 11.86 19.78 9.03
CA ASP A 209 11.66 20.27 7.69
C ASP A 209 10.34 21.04 7.55
N LEU A 210 9.44 20.99 8.53
CA LEU A 210 8.14 21.63 8.36
C LEU A 210 8.27 23.12 8.07
N HIS A 211 9.37 23.73 8.50
CA HIS A 211 9.48 25.18 8.34
C HIS A 211 9.52 25.60 6.88
N THR A 212 9.86 24.69 5.97
CA THR A 212 9.96 24.99 4.55
C THR A 212 8.62 24.90 3.80
N LEU A 213 7.56 24.49 4.47
CA LEU A 213 6.35 24.10 3.76
C LEU A 213 5.30 25.19 3.74
N SER A 214 4.51 25.21 2.67
CA SER A 214 3.27 25.97 2.60
C SER A 214 2.23 25.38 3.55
N GLU A 215 1.13 26.13 3.73
CA GLU A 215 0.05 25.65 4.57
C GLU A 215 -0.57 24.36 4.02
N ASP A 216 -0.58 24.20 2.69
CA ASP A 216 -1.11 22.99 2.07
C ASP A 216 -0.16 21.81 2.29
N SER A 217 1.10 21.97 1.87
CA SER A 217 2.09 20.93 2.11
C SER A 217 2.20 20.59 3.60
N TYR A 218 2.15 21.61 4.45
CA TYR A 218 2.17 21.38 5.89
C TYR A 218 1.06 20.45 6.34
N LYS A 219 -0.14 20.60 5.77
CA LYS A 219 -1.25 19.73 6.16
C LYS A 219 -1.01 18.29 5.70
N ASP A 220 -0.53 18.11 4.47
CA ASP A 220 -0.19 16.77 3.98
C ASP A 220 0.79 16.10 4.93
N SER A 221 1.89 16.78 5.24
CA SER A 221 2.96 16.15 6.00
C SER A 221 2.52 15.85 7.42
N THR A 222 1.93 16.82 8.11
CA THR A 222 1.59 16.57 9.50
C THR A 222 0.50 15.51 9.64
N LEU A 223 -0.32 15.28 8.62
CA LEU A 223 -1.28 14.19 8.72
C LEU A 223 -0.56 12.84 8.86
N ILE A 224 0.45 12.60 8.03
CA ILE A 224 1.11 11.30 8.11
C ILE A 224 2.01 11.23 9.33
N MET A 225 2.61 12.36 9.72
CA MET A 225 3.41 12.35 10.95
C MET A 225 2.57 11.92 12.15
N GLN A 226 1.29 12.30 12.17
CA GLN A 226 0.41 11.92 13.26
C GLN A 226 0.25 10.41 13.33
N LEU A 227 0.17 9.75 12.18
CA LEU A 227 0.13 8.29 12.16
C LEU A 227 1.41 7.70 12.71
N LEU A 228 2.56 8.30 12.35
CA LEU A 228 3.81 7.80 12.90
C LEU A 228 3.80 7.92 14.41
N ARG A 229 3.38 9.07 14.93
CA ARG A 229 3.37 9.28 16.38
C ARG A 229 2.42 8.30 17.06
N ASP A 230 1.24 8.10 16.48
CA ASP A 230 0.29 7.14 17.05
C ASP A 230 0.94 5.76 17.22
N ASN A 231 1.63 5.29 16.18
CA ASN A 231 2.27 3.98 16.28
C ASN A 231 3.36 3.97 17.34
N LEU A 232 4.21 5.00 17.37
CA LEU A 232 5.22 5.04 18.42
C LEU A 232 4.57 4.98 19.79
N THR A 233 3.40 5.58 19.94
CA THR A 233 2.70 5.56 21.22
C THR A 233 2.22 4.16 21.55
N LEU A 234 1.66 3.46 20.57
CA LEU A 234 1.23 2.09 20.81
C LEU A 234 2.42 1.15 20.99
N TRP A 235 3.57 1.45 20.39
CA TRP A 235 4.69 0.52 20.41
C TRP A 235 5.63 0.71 21.59
N THR A 236 5.52 1.81 22.33
CA THR A 236 6.43 2.08 23.44
C THR A 236 5.77 2.77 24.65
N SER B 5 -1.29 -2.05 14.34
CA SER B 5 -0.53 -0.85 14.01
C SER B 5 -1.14 -0.16 12.79
N LEU B 6 -1.19 1.16 12.83
CA LEU B 6 -1.83 1.94 11.78
C LEU B 6 -0.89 2.06 10.56
N GLU B 8 -0.62 3.60 6.27
CA GLU B 8 -1.04 4.74 5.47
C GLU B 8 -2.50 4.52 5.05
N ARG B 9 -3.37 5.48 5.32
CA ARG B 9 -4.80 5.29 5.08
C ARG B 9 -5.20 5.59 3.63
#